data_5O7I
#
_entry.id   5O7I
#
_cell.length_a   93.910
_cell.length_b   93.910
_cell.length_c   113.748
_cell.angle_alpha   90.00
_cell.angle_beta   90.00
_cell.angle_gamma   90.00
#
_symmetry.space_group_name_H-M   'P 41 21 2'
#
loop_
_entity.id
_entity.type
_entity.pdbx_description
1 polymer 'Mitogen-activated protein kinase 7'
2 non-polymer 4-(2-bromanyl-6-fluoranyl-phenyl)carbonyl-~{N}-pyridin-3-yl-1~{H}-pyrrole-2-carboxamide
3 non-polymer 'DIMETHYL SULFOXIDE'
4 water water
#
_entity_poly.entity_id   1
_entity_poly.type   'polypeptide(L)'
_entity_poly.pdbx_seq_one_letter_code
;GDVTFDVGDEYEIIETIGNGAYGVVSSARRRLTGQQVAIKKIPNAFDVVTNAKRTLRELKILKHFKHDNIIAIKDILRPT
VPYGEFKSVYVVLDLMESDLHQIIHSSQPLTLEHVRYFLYQLLRGLKYMHSAQVIHRDLKPSNLLVNENCELKIGDFGMA
RGLCTSPAEHQYFMTEYVATRWYRAPELMLSLHEYTQAIDLWSVGCIFGEMLARRQLFPGKNYVHQLQLIMMVLGTPSPA
VIQAVGAERVRAYIQSLPPRQPVPWETVYPGADRQALSLLGRMLRFEPSARISAAAALRHPFLAKYHDPDDEPDCAPPFD
FAFDREALTRERIKEAIVAEIEDFHARREGIRQQIRFQ
;
_entity_poly.pdbx_strand_id   A
#
# COMPACT_ATOMS: atom_id res chain seq x y z
N GLU A 10 -14.92 24.55 -14.35
CA GLU A 10 -14.24 23.41 -14.97
C GLU A 10 -14.83 22.02 -14.58
N TYR A 11 -15.37 21.91 -13.34
CA TYR A 11 -15.98 20.65 -12.86
C TYR A 11 -17.37 20.85 -12.30
N GLU A 12 -18.25 19.89 -12.57
CA GLU A 12 -19.60 19.84 -12.05
C GLU A 12 -19.60 18.72 -11.01
N ILE A 13 -19.88 19.06 -9.74
CA ILE A 13 -19.92 18.09 -8.65
C ILE A 13 -21.17 17.20 -8.80
N ILE A 14 -20.96 15.87 -8.77
CA ILE A 14 -22.04 14.89 -8.87
C ILE A 14 -22.55 14.66 -7.44
N GLU A 15 -21.91 13.80 -6.65
CA GLU A 15 -22.32 13.59 -5.27
C GLU A 15 -21.08 13.46 -4.37
N THR A 16 -21.25 13.78 -3.07
CA THR A 16 -20.21 13.64 -2.05
C THR A 16 -20.23 12.18 -1.63
N ILE A 17 -19.06 11.53 -1.64
CA ILE A 17 -18.91 10.11 -1.27
C ILE A 17 -18.20 9.95 0.09
N GLY A 18 -16.89 10.20 0.10
CA GLY A 18 -16.00 9.98 1.24
C GLY A 18 -15.88 11.05 2.31
N ASN A 19 -15.29 10.62 3.44
CA ASN A 19 -14.97 11.30 4.72
C ASN A 19 -14.49 10.14 5.64
N GLY A 20 -13.47 10.35 6.49
CA GLY A 20 -12.68 11.56 6.70
C GLY A 20 -11.22 11.21 6.88
N ALA A 21 -10.51 11.92 7.80
CA ALA A 21 -9.07 11.80 8.11
C ALA A 21 -8.19 12.34 6.98
N TYR A 22 -8.34 11.81 5.75
CA TYR A 22 -7.68 12.27 4.52
C TYR A 22 -8.38 13.57 4.01
N GLY A 23 -9.70 13.63 4.20
CA GLY A 23 -10.58 14.72 3.78
C GLY A 23 -11.92 14.25 3.25
N VAL A 24 -12.50 15.02 2.32
CA VAL A 24 -13.79 14.76 1.68
C VAL A 24 -13.54 14.34 0.22
N VAL A 25 -14.22 13.28 -0.25
CA VAL A 25 -14.10 12.79 -1.63
C VAL A 25 -15.46 12.90 -2.30
N SER A 26 -15.50 13.43 -3.52
CA SER A 26 -16.73 13.58 -4.28
C SER A 26 -16.56 13.05 -5.68
N SER A 27 -17.66 12.62 -6.34
CA SER A 27 -17.57 12.24 -7.75
C SER A 27 -17.89 13.54 -8.49
N ALA A 28 -17.35 13.69 -9.70
CA ALA A 28 -17.54 14.90 -10.48
C ALA A 28 -17.32 14.66 -11.96
N ARG A 29 -17.75 15.61 -12.80
N ARG A 29 -17.73 15.62 -12.80
CA ARG A 29 -17.56 15.54 -14.25
CA ARG A 29 -17.47 15.52 -14.23
C ARG A 29 -16.93 16.82 -14.78
C ARG A 29 -16.88 16.82 -14.75
N ARG A 30 -15.87 16.70 -15.61
CA ARG A 30 -15.19 17.84 -16.24
C ARG A 30 -16.25 18.38 -17.22
N ARG A 31 -16.74 19.60 -16.99
CA ARG A 31 -17.83 20.20 -17.77
C ARG A 31 -17.64 20.13 -19.30
N LEU A 32 -16.44 20.48 -19.80
CA LEU A 32 -16.10 20.47 -21.22
C LEU A 32 -16.07 19.07 -21.88
N THR A 33 -15.39 18.09 -21.24
CA THR A 33 -15.23 16.73 -21.80
C THR A 33 -16.31 15.71 -21.38
N GLY A 34 -16.91 15.94 -20.21
CA GLY A 34 -17.90 15.05 -19.61
C GLY A 34 -17.25 13.91 -18.84
N GLN A 35 -15.90 13.82 -18.87
CA GLN A 35 -15.12 12.78 -18.20
C GLN A 35 -15.42 12.71 -16.71
N GLN A 36 -15.78 11.51 -16.22
CA GLN A 36 -16.08 11.26 -14.81
C GLN A 36 -14.78 11.17 -14.00
N VAL A 37 -14.74 11.88 -12.86
CA VAL A 37 -13.58 11.95 -11.97
C VAL A 37 -13.96 11.87 -10.48
N ALA A 38 -12.95 11.66 -9.63
CA ALA A 38 -13.06 11.70 -8.17
C ALA A 38 -12.32 12.99 -7.71
N ILE A 39 -12.92 13.77 -6.82
CA ILE A 39 -12.24 14.98 -6.33
C ILE A 39 -12.08 14.88 -4.83
N LYS A 40 -10.83 14.93 -4.35
CA LYS A 40 -10.52 14.88 -2.92
C LYS A 40 -10.10 16.27 -2.44
N LYS A 41 -10.77 16.75 -1.41
CA LYS A 41 -10.52 18.02 -0.74
C LYS A 41 -9.76 17.69 0.53
N ILE A 42 -8.57 18.29 0.68
CA ILE A 42 -7.71 18.17 1.85
C ILE A 42 -7.95 19.50 2.57
N PRO A 43 -8.95 19.55 3.49
CA PRO A 43 -9.28 20.84 4.14
C PRO A 43 -8.21 21.21 5.16
N ASN A 44 -7.98 22.52 5.35
CA ASN A 44 -6.94 23.02 6.27
C ASN A 44 -5.64 22.20 6.18
N ALA A 45 -5.23 21.95 4.92
CA ALA A 45 -4.10 21.15 4.47
C ALA A 45 -2.72 21.55 5.05
N PHE A 46 -2.55 22.81 5.51
CA PHE A 46 -1.25 23.29 6.02
C PHE A 46 -1.23 23.59 7.53
N ASP A 47 -2.24 23.12 8.28
CA ASP A 47 -2.36 23.35 9.73
C ASP A 47 -1.45 22.49 10.64
N VAL A 48 -1.11 21.27 10.19
CA VAL A 48 -0.36 20.28 10.96
C VAL A 48 0.82 19.81 10.14
N VAL A 49 2.04 19.85 10.71
CA VAL A 49 3.26 19.41 10.03
C VAL A 49 3.11 18.01 9.41
N THR A 50 2.80 17.01 10.24
CA THR A 50 2.65 15.60 9.85
C THR A 50 1.73 15.42 8.65
N ASN A 51 0.55 16.03 8.70
CA ASN A 51 -0.43 15.95 7.63
C ASN A 51 0.04 16.64 6.34
N ALA A 52 0.62 17.84 6.48
CA ALA A 52 1.14 18.63 5.37
C ALA A 52 2.27 17.84 4.69
N LYS A 53 3.18 17.27 5.49
CA LYS A 53 4.27 16.40 5.00
C LYS A 53 3.71 15.18 4.21
N ARG A 54 2.61 14.61 4.70
CA ARG A 54 1.99 13.48 4.04
C ARG A 54 1.39 13.90 2.69
N THR A 55 0.66 15.05 2.63
CA THR A 55 0.11 15.57 1.38
C THR A 55 1.23 15.75 0.33
N LEU A 56 2.34 16.39 0.73
CA LEU A 56 3.45 16.66 -0.16
C LEU A 56 4.04 15.36 -0.74
N ARG A 57 4.28 14.40 0.13
CA ARG A 57 4.81 13.10 -0.18
C ARG A 57 3.90 12.37 -1.19
N GLU A 58 2.58 12.33 -0.94
CA GLU A 58 1.64 11.68 -1.86
C GLU A 58 1.58 12.33 -3.22
N LEU A 59 1.58 13.67 -3.26
CA LEU A 59 1.55 14.40 -4.52
C LEU A 59 2.73 14.05 -5.39
N LYS A 60 3.93 13.99 -4.82
CA LYS A 60 5.16 13.68 -5.54
C LYS A 60 5.21 12.24 -6.03
N ILE A 61 4.80 11.30 -5.19
CA ILE A 61 4.77 9.87 -5.51
C ILE A 61 3.81 9.62 -6.68
N LEU A 62 2.58 10.17 -6.58
CA LEU A 62 1.57 10.04 -7.63
C LEU A 62 1.95 10.71 -8.95
N LYS A 63 2.66 11.86 -8.88
CA LYS A 63 3.15 12.56 -10.06
C LYS A 63 4.26 11.75 -10.71
N HIS A 64 5.06 11.05 -9.92
CA HIS A 64 6.14 10.23 -10.44
C HIS A 64 5.66 9.00 -11.25
N PHE A 65 4.58 8.35 -10.81
CA PHE A 65 4.10 7.15 -11.49
C PHE A 65 3.09 7.42 -12.58
N LYS A 66 3.15 6.61 -13.65
CA LYS A 66 2.20 6.60 -14.77
C LYS A 66 2.03 5.13 -15.05
N HIS A 67 1.06 4.50 -14.39
CA HIS A 67 0.81 3.05 -14.43
C HIS A 67 -0.69 2.77 -14.22
N ASP A 68 -1.22 1.83 -15.01
CA ASP A 68 -2.62 1.44 -14.98
C ASP A 68 -3.08 0.83 -13.70
N ASN A 69 -2.15 0.28 -12.88
CA ASN A 69 -2.52 -0.32 -11.58
C ASN A 69 -2.14 0.54 -10.38
N ILE A 70 -1.93 1.82 -10.63
CA ILE A 70 -1.62 2.81 -9.58
C ILE A 70 -2.52 4.00 -9.81
N ILE A 71 -3.21 4.46 -8.75
CA ILE A 71 -4.09 5.64 -8.81
C ILE A 71 -3.29 6.85 -9.31
N ALA A 72 -3.88 7.60 -10.21
CA ALA A 72 -3.21 8.74 -10.84
C ALA A 72 -3.86 10.05 -10.47
N ILE A 73 -3.05 11.13 -10.46
CA ILE A 73 -3.58 12.48 -10.30
C ILE A 73 -3.95 12.91 -11.72
N LYS A 74 -5.21 13.23 -11.92
CA LYS A 74 -5.65 13.68 -13.23
C LYS A 74 -5.59 15.21 -13.29
N ASP A 75 -5.72 15.87 -12.13
CA ASP A 75 -5.62 17.34 -12.01
C ASP A 75 -5.42 17.76 -10.54
N ILE A 76 -4.84 18.94 -10.33
CA ILE A 76 -4.70 19.54 -8.99
C ILE A 76 -5.22 20.97 -9.16
N LEU A 77 -6.26 21.35 -8.42
CA LEU A 77 -6.77 22.71 -8.60
C LEU A 77 -5.79 23.75 -8.02
N ARG A 78 -5.57 24.82 -8.79
CA ARG A 78 -4.67 25.94 -8.44
C ARG A 78 -5.36 26.82 -7.43
N PRO A 79 -4.62 27.61 -6.61
CA PRO A 79 -5.30 28.59 -5.74
C PRO A 79 -6.14 29.58 -6.55
N THR A 80 -7.39 29.86 -6.11
CA THR A 80 -8.30 30.83 -6.75
C THR A 80 -8.38 32.14 -5.91
N VAL A 81 -7.67 32.15 -4.77
CA VAL A 81 -7.58 33.22 -3.78
C VAL A 81 -6.11 33.65 -3.61
N PRO A 82 -5.82 34.81 -2.93
CA PRO A 82 -4.41 35.15 -2.61
C PRO A 82 -3.71 34.02 -1.85
N TYR A 83 -2.40 33.88 -2.06
CA TYR A 83 -1.54 32.85 -1.47
C TYR A 83 -1.82 32.57 0.01
N GLY A 84 -1.88 33.65 0.81
CA GLY A 84 -2.14 33.59 2.25
C GLY A 84 -3.49 33.01 2.62
N GLU A 85 -4.47 33.09 1.69
CA GLU A 85 -5.82 32.55 1.90
C GLU A 85 -6.01 31.13 1.37
N PHE A 86 -5.03 30.60 0.60
CA PHE A 86 -5.07 29.25 0.06
C PHE A 86 -4.85 28.25 1.24
N LYS A 87 -5.91 27.54 1.63
CA LYS A 87 -5.86 26.69 2.83
C LYS A 87 -6.25 25.25 2.61
N SER A 88 -6.92 24.97 1.50
CA SER A 88 -7.38 23.61 1.20
C SER A 88 -7.06 23.22 -0.25
N VAL A 89 -6.54 21.99 -0.41
CA VAL A 89 -6.09 21.47 -1.69
C VAL A 89 -7.14 20.52 -2.29
N TYR A 90 -7.41 20.69 -3.60
CA TYR A 90 -8.32 19.82 -4.35
C TYR A 90 -7.54 19.02 -5.36
N VAL A 91 -7.62 17.70 -5.24
CA VAL A 91 -6.92 16.73 -6.10
C VAL A 91 -7.97 15.97 -6.90
N VAL A 92 -7.79 15.94 -8.23
CA VAL A 92 -8.67 15.24 -9.17
C VAL A 92 -8.03 13.89 -9.44
N LEU A 93 -8.74 12.82 -9.17
CA LEU A 93 -8.19 11.46 -9.31
C LEU A 93 -9.10 10.59 -10.15
N ASP A 94 -8.59 9.40 -10.53
CA ASP A 94 -9.38 8.34 -11.20
C ASP A 94 -10.62 8.06 -10.34
N LEU A 95 -11.80 8.00 -10.95
CA LEU A 95 -13.02 7.66 -10.24
C LEU A 95 -13.04 6.11 -10.12
N MET A 96 -13.03 5.62 -8.87
CA MET A 96 -13.00 4.18 -8.54
C MET A 96 -14.17 3.88 -7.66
N GLU A 97 -15.14 3.16 -8.20
N GLU A 97 -15.13 3.13 -8.22
CA GLU A 97 -16.41 2.85 -7.52
CA GLU A 97 -16.41 2.71 -7.65
C GLU A 97 -16.26 2.01 -6.23
C GLU A 97 -16.30 1.97 -6.29
N SER A 98 -15.43 0.95 -6.24
CA SER A 98 -15.26 0.07 -5.09
C SER A 98 -13.80 -0.16 -4.69
N ASP A 99 -13.58 -1.14 -3.83
CA ASP A 99 -12.30 -1.57 -3.35
C ASP A 99 -12.32 -3.06 -3.05
N LEU A 100 -11.15 -3.67 -2.98
CA LEU A 100 -11.03 -5.12 -2.75
C LEU A 100 -11.69 -5.61 -1.43
N HIS A 101 -11.71 -4.76 -0.37
CA HIS A 101 -12.34 -5.10 0.93
C HIS A 101 -13.85 -5.35 0.74
N GLN A 102 -14.52 -4.39 0.06
CA GLN A 102 -15.93 -4.41 -0.32
C GLN A 102 -16.26 -5.59 -1.22
N ILE A 103 -15.33 -6.00 -2.09
CA ILE A 103 -15.59 -7.14 -2.97
C ILE A 103 -15.44 -8.43 -2.20
N ILE A 104 -14.32 -8.59 -1.47
CA ILE A 104 -14.08 -9.83 -0.67
C ILE A 104 -15.23 -10.07 0.30
N HIS A 105 -15.58 -9.01 1.07
CA HIS A 105 -16.60 -9.05 2.12
C HIS A 105 -17.98 -8.58 1.63
N SER A 106 -18.55 -9.37 0.73
CA SER A 106 -19.83 -9.07 0.11
C SER A 106 -20.44 -10.33 -0.49
N SER A 107 -21.66 -10.19 -1.01
CA SER A 107 -22.37 -11.28 -1.66
C SER A 107 -21.99 -11.38 -3.14
N GLN A 108 -21.01 -10.59 -3.60
CA GLN A 108 -20.51 -10.61 -5.00
C GLN A 108 -19.74 -11.89 -5.28
N PRO A 109 -19.69 -12.37 -6.52
CA PRO A 109 -18.83 -13.54 -6.81
C PRO A 109 -17.34 -13.20 -6.63
N LEU A 110 -16.58 -14.22 -6.24
CA LEU A 110 -15.12 -14.13 -6.09
C LEU A 110 -14.62 -15.54 -6.23
N THR A 111 -14.49 -15.96 -7.47
CA THR A 111 -14.02 -17.30 -7.82
C THR A 111 -12.47 -17.26 -7.81
N LEU A 112 -11.81 -18.42 -8.03
CA LEU A 112 -10.37 -18.53 -8.15
C LEU A 112 -9.87 -17.63 -9.29
N GLU A 113 -10.71 -17.44 -10.30
CA GLU A 113 -10.40 -16.59 -11.44
C GLU A 113 -10.39 -15.11 -11.08
N HIS A 114 -11.27 -14.64 -10.16
CA HIS A 114 -11.23 -13.24 -9.65
C HIS A 114 -9.92 -13.01 -8.87
N VAL A 115 -9.59 -13.97 -7.97
CA VAL A 115 -8.37 -13.97 -7.15
C VAL A 115 -7.15 -13.82 -8.08
N ARG A 116 -7.04 -14.71 -9.09
CA ARG A 116 -5.92 -14.73 -10.05
C ARG A 116 -5.72 -13.39 -10.80
N TYR A 117 -6.82 -12.79 -11.30
CA TYR A 117 -6.78 -11.52 -12.00
C TYR A 117 -6.49 -10.36 -11.07
N PHE A 118 -7.10 -10.35 -9.87
CA PHE A 118 -6.83 -9.30 -8.87
C PHE A 118 -5.39 -9.33 -8.42
N LEU A 119 -4.86 -10.52 -8.16
CA LEU A 119 -3.48 -10.73 -7.75
C LEU A 119 -2.48 -10.30 -8.80
N TYR A 120 -2.78 -10.63 -10.03
CA TYR A 120 -1.97 -10.26 -11.18
C TYR A 120 -1.77 -8.74 -11.27
N GLN A 121 -2.86 -7.97 -11.18
CA GLN A 121 -2.87 -6.52 -11.25
C GLN A 121 -2.12 -5.90 -10.11
N LEU A 122 -2.35 -6.37 -8.88
CA LEU A 122 -1.66 -5.90 -7.69
C LEU A 122 -0.13 -6.07 -7.89
N LEU A 123 0.30 -7.28 -8.22
CA LEU A 123 1.71 -7.60 -8.48
C LEU A 123 2.33 -6.82 -9.64
N ARG A 124 1.55 -6.56 -10.71
CA ARG A 124 1.96 -5.76 -11.86
C ARG A 124 2.27 -4.33 -11.42
N GLY A 125 1.39 -3.78 -10.57
CA GLY A 125 1.52 -2.45 -9.98
C GLY A 125 2.70 -2.36 -9.03
N LEU A 126 2.92 -3.40 -8.22
CA LEU A 126 4.07 -3.44 -7.30
C LEU A 126 5.42 -3.62 -7.97
N LYS A 127 5.48 -4.42 -9.04
CA LYS A 127 6.70 -4.59 -9.80
C LYS A 127 7.22 -3.20 -10.24
N TYR A 128 6.30 -2.37 -10.80
CA TYR A 128 6.59 -1.02 -11.28
C TYR A 128 7.08 -0.10 -10.14
N MET A 129 6.35 -0.07 -9.03
CA MET A 129 6.58 0.73 -7.84
C MET A 129 7.88 0.33 -7.12
N HIS A 130 8.11 -0.97 -6.97
CA HIS A 130 9.32 -1.49 -6.36
C HIS A 130 10.54 -1.14 -7.18
N SER A 131 10.42 -1.12 -8.52
CA SER A 131 11.59 -0.78 -9.35
C SER A 131 11.98 0.69 -9.19
N ALA A 132 11.06 1.52 -8.71
CA ALA A 132 11.28 2.94 -8.43
C ALA A 132 11.80 3.13 -7.01
N GLN A 133 11.97 2.02 -6.25
CA GLN A 133 12.45 1.98 -4.86
C GLN A 133 11.45 2.59 -3.89
N VAL A 134 10.17 2.32 -4.14
CA VAL A 134 9.08 2.76 -3.29
C VAL A 134 8.46 1.52 -2.62
N ILE A 135 8.47 1.52 -1.29
CA ILE A 135 7.81 0.49 -0.47
C ILE A 135 6.53 1.20 0.00
N HIS A 136 5.35 0.67 -0.40
CA HIS A 136 4.04 1.21 -0.03
C HIS A 136 3.83 1.14 1.50
N ARG A 137 4.20 0.01 2.12
CA ARG A 137 4.12 -0.27 3.54
C ARG A 137 2.70 -0.32 4.12
N ASP A 138 1.65 -0.09 3.32
CA ASP A 138 0.31 -0.13 3.87
C ASP A 138 -0.70 -0.82 2.93
N LEU A 139 -0.27 -1.90 2.27
CA LEU A 139 -1.19 -2.60 1.39
C LEU A 139 -2.20 -3.39 2.19
N LYS A 140 -3.45 -3.27 1.81
CA LYS A 140 -4.58 -3.95 2.42
C LYS A 140 -5.72 -3.87 1.44
N PRO A 141 -6.71 -4.79 1.51
CA PRO A 141 -7.82 -4.76 0.55
C PRO A 141 -8.53 -3.40 0.37
N SER A 142 -8.75 -2.62 1.44
CA SER A 142 -9.43 -1.31 1.30
C SER A 142 -8.64 -0.23 0.53
N ASN A 143 -7.32 -0.39 0.37
CA ASN A 143 -6.42 0.51 -0.40
C ASN A 143 -6.28 0.05 -1.81
N LEU A 144 -6.89 -1.09 -2.12
CA LEU A 144 -6.87 -1.63 -3.48
C LEU A 144 -8.20 -1.29 -4.13
N LEU A 145 -8.23 -0.17 -4.83
CA LEU A 145 -9.47 0.29 -5.44
C LEU A 145 -9.77 -0.43 -6.73
N VAL A 146 -11.05 -0.70 -6.95
CA VAL A 146 -11.52 -1.42 -8.12
C VAL A 146 -12.63 -0.61 -8.80
N ASN A 147 -12.51 -0.39 -10.12
CA ASN A 147 -13.56 0.33 -10.84
C ASN A 147 -14.56 -0.68 -11.47
N GLU A 148 -15.55 -0.17 -12.21
CA GLU A 148 -16.60 -0.96 -12.86
C GLU A 148 -16.09 -1.89 -13.97
N ASN A 149 -14.91 -1.57 -14.55
CA ASN A 149 -14.24 -2.34 -15.61
C ASN A 149 -13.29 -3.39 -14.99
N CYS A 150 -13.32 -3.56 -13.67
CA CYS A 150 -12.48 -4.51 -12.94
C CYS A 150 -10.98 -4.12 -12.88
N GLU A 151 -10.64 -2.87 -13.21
CA GLU A 151 -9.25 -2.42 -13.12
C GLU A 151 -8.92 -2.18 -11.64
N LEU A 152 -7.86 -2.81 -11.13
CA LEU A 152 -7.40 -2.62 -9.75
C LEU A 152 -6.29 -1.57 -9.75
N LYS A 153 -6.36 -0.63 -8.82
CA LYS A 153 -5.38 0.44 -8.65
C LYS A 153 -4.91 0.57 -7.19
N ILE A 154 -3.59 0.62 -6.97
CA ILE A 154 -3.03 0.82 -5.66
C ILE A 154 -3.16 2.31 -5.31
N GLY A 155 -3.77 2.60 -4.17
CA GLY A 155 -3.91 3.95 -3.65
C GLY A 155 -3.33 4.08 -2.25
N ASP A 156 -3.50 5.27 -1.64
CA ASP A 156 -3.08 5.63 -0.29
C ASP A 156 -1.58 5.43 -0.03
N PHE A 157 -0.77 6.34 -0.59
CA PHE A 157 0.69 6.32 -0.48
C PHE A 157 1.25 7.14 0.69
N GLY A 158 0.45 7.40 1.71
CA GLY A 158 0.83 8.16 2.91
C GLY A 158 1.89 7.51 3.77
N MET A 159 1.90 6.17 3.83
N MET A 159 1.89 6.17 3.83
CA MET A 159 2.86 5.42 4.62
CA MET A 159 2.83 5.38 4.62
C MET A 159 4.13 5.03 3.84
C MET A 159 4.11 5.03 3.84
N ALA A 160 4.10 5.18 2.50
CA ALA A 160 5.23 4.83 1.62
C ALA A 160 6.54 5.50 1.97
N ARG A 161 7.62 4.74 1.87
CA ARG A 161 8.99 5.18 2.14
C ARG A 161 9.94 4.51 1.16
N GLY A 162 11.17 5.00 1.09
CA GLY A 162 12.20 4.41 0.26
C GLY A 162 13.02 3.43 1.08
N LEU A 163 14.19 3.03 0.55
CA LEU A 163 15.09 2.13 1.27
C LEU A 163 15.80 2.82 2.43
N CYS A 164 15.90 4.19 2.41
CA CYS A 164 16.49 5.01 3.48
C CYS A 164 15.47 6.04 4.06
N THR A 165 15.25 6.01 5.41
CA THR A 165 14.33 6.95 6.08
C THR A 165 15.07 7.76 7.16
N SER A 166 14.49 8.90 7.55
CA SER A 166 15.02 9.85 8.53
C SER A 166 14.89 9.38 9.98
N PRO A 167 16.00 9.46 10.76
CA PRO A 167 15.92 9.10 12.20
C PRO A 167 15.08 10.08 13.02
N ALA A 168 14.73 11.25 12.44
CA ALA A 168 13.87 12.30 13.05
C ALA A 168 12.41 11.86 13.20
N GLU A 169 11.97 10.87 12.38
CA GLU A 169 10.62 10.32 12.42
C GLU A 169 10.50 9.24 13.50
N HIS A 170 9.42 9.29 14.33
CA HIS A 170 9.15 8.32 15.41
C HIS A 170 9.14 6.85 14.93
N GLN A 171 8.54 6.60 13.73
N GLN A 171 8.55 6.64 13.75
CA GLN A 171 8.40 5.29 13.09
CA GLN A 171 8.37 5.39 13.02
C GLN A 171 9.72 4.65 12.69
C GLN A 171 9.72 4.68 12.78
N TYR A 172 10.82 5.45 12.61
CA TYR A 172 12.19 4.94 12.33
C TYR A 172 12.58 3.90 13.36
N PHE A 173 12.17 4.14 14.62
CA PHE A 173 12.40 3.29 15.78
C PHE A 173 11.21 2.41 16.16
N MET A 174 9.99 2.90 15.91
CA MET A 174 8.74 2.26 16.32
C MET A 174 8.05 1.59 15.16
N THR A 175 8.77 0.64 14.55
CA THR A 175 8.32 -0.05 13.33
C THR A 175 7.04 -0.82 13.56
N GLU A 176 6.76 -1.24 14.79
CA GLU A 176 5.57 -2.00 15.11
C GLU A 176 4.31 -1.14 15.09
N TYR A 177 4.38 0.19 14.89
CA TYR A 177 3.18 1.02 14.71
C TYR A 177 3.03 1.43 13.24
N VAL A 178 3.89 0.90 12.38
CA VAL A 178 3.86 1.19 10.96
C VAL A 178 2.70 0.43 10.33
N ALA A 179 1.73 1.20 9.81
CA ALA A 179 0.57 0.71 9.08
C ALA A 179 -0.43 -0.06 9.95
N THR A 180 -1.10 -1.07 9.35
CA THR A 180 -2.21 -1.89 9.86
C THR A 180 -1.70 -3.22 10.36
N ARG A 181 -2.04 -3.56 11.60
CA ARG A 181 -1.64 -4.76 12.35
C ARG A 181 -1.81 -6.08 11.57
N TRP A 182 -2.99 -6.28 10.94
CA TRP A 182 -3.33 -7.54 10.27
C TRP A 182 -2.48 -7.87 9.04
N TYR A 183 -1.83 -6.86 8.44
CA TYR A 183 -1.04 -6.98 7.19
C TYR A 183 0.43 -6.60 7.37
N ARG A 184 0.82 -6.29 8.63
CA ARG A 184 2.15 -5.82 9.01
C ARG A 184 3.18 -6.94 9.04
N ALA A 185 4.23 -6.79 8.21
CA ALA A 185 5.32 -7.72 8.01
C ALA A 185 6.11 -7.99 9.30
N PRO A 186 6.55 -9.26 9.53
CA PRO A 186 7.30 -9.60 10.77
C PRO A 186 8.45 -8.66 11.08
N GLU A 187 9.22 -8.20 10.06
CA GLU A 187 10.35 -7.28 10.24
C GLU A 187 9.95 -5.97 10.90
N LEU A 188 8.74 -5.47 10.64
CA LEU A 188 8.19 -4.26 11.26
C LEU A 188 7.72 -4.60 12.69
N MET A 189 6.98 -5.71 12.85
CA MET A 189 6.51 -6.18 14.17
C MET A 189 7.66 -6.41 15.13
N LEU A 190 8.76 -7.03 14.64
CA LEU A 190 9.91 -7.42 15.43
C LEU A 190 11.13 -6.50 15.37
N SER A 191 11.09 -5.44 14.55
CA SER A 191 12.22 -4.51 14.36
C SER A 191 13.49 -5.29 13.92
N LEU A 192 13.37 -6.08 12.82
CA LEU A 192 14.45 -6.96 12.35
C LEU A 192 15.59 -6.23 11.61
N HIS A 193 15.47 -4.89 11.43
CA HIS A 193 16.44 -4.00 10.77
C HIS A 193 16.72 -4.37 9.29
N GLU A 194 15.70 -4.91 8.59
CA GLU A 194 15.74 -5.31 7.18
C GLU A 194 14.41 -4.88 6.58
N TYR A 195 14.35 -3.61 6.14
CA TYR A 195 13.16 -2.95 5.62
C TYR A 195 13.26 -2.66 4.14
N THR A 196 12.81 -3.62 3.34
CA THR A 196 12.85 -3.60 1.88
C THR A 196 11.46 -3.75 1.28
N GLN A 197 11.39 -3.82 -0.06
CA GLN A 197 10.16 -4.06 -0.82
C GLN A 197 9.47 -5.38 -0.39
N ALA A 198 10.19 -6.28 0.34
CA ALA A 198 9.69 -7.52 0.92
C ALA A 198 8.59 -7.28 1.95
N ILE A 199 8.51 -6.06 2.55
CA ILE A 199 7.44 -5.67 3.48
C ILE A 199 6.10 -5.83 2.76
N ASP A 200 6.06 -5.35 1.49
CA ASP A 200 4.87 -5.37 0.66
C ASP A 200 4.43 -6.76 0.25
N LEU A 201 5.39 -7.65 0.00
CA LEU A 201 5.11 -9.03 -0.37
C LEU A 201 4.48 -9.82 0.76
N TRP A 202 4.75 -9.46 2.05
CA TRP A 202 4.06 -10.07 3.18
C TRP A 202 2.54 -9.66 3.13
N SER A 203 2.29 -8.38 2.92
CA SER A 203 0.95 -7.78 2.81
C SER A 203 0.18 -8.44 1.69
N VAL A 204 0.86 -8.66 0.53
CA VAL A 204 0.29 -9.34 -0.63
C VAL A 204 -0.19 -10.73 -0.27
N GLY A 205 0.63 -11.49 0.47
CA GLY A 205 0.31 -12.83 0.94
C GLY A 205 -0.93 -12.87 1.79
N CYS A 206 -1.07 -11.90 2.71
CA CYS A 206 -2.22 -11.72 3.60
C CYS A 206 -3.48 -11.44 2.79
N ILE A 207 -3.35 -10.54 1.78
CA ILE A 207 -4.44 -10.15 0.86
C ILE A 207 -4.89 -11.36 0.00
N PHE A 208 -3.90 -12.09 -0.53
CA PHE A 208 -4.06 -13.28 -1.36
C PHE A 208 -4.84 -14.34 -0.56
N GLY A 209 -4.41 -14.60 0.67
CA GLY A 209 -5.04 -15.52 1.60
C GLY A 209 -6.48 -15.13 1.90
N GLU A 210 -6.68 -13.85 2.19
CA GLU A 210 -7.98 -13.24 2.45
C GLU A 210 -8.94 -13.38 1.25
N MET A 211 -8.42 -13.29 0.02
CA MET A 211 -9.25 -13.49 -1.18
C MET A 211 -9.61 -14.96 -1.30
N LEU A 212 -8.67 -15.89 -0.96
CA LEU A 212 -8.97 -17.32 -1.06
C LEU A 212 -10.05 -17.79 -0.11
N ALA A 213 -10.06 -17.29 1.15
CA ALA A 213 -11.02 -17.74 2.18
C ALA A 213 -12.15 -16.75 2.43
N ARG A 214 -12.06 -15.56 1.84
CA ARG A 214 -13.00 -14.44 2.00
C ARG A 214 -13.08 -13.99 3.48
N ARG A 215 -11.96 -14.13 4.20
CA ARG A 215 -11.75 -13.73 5.61
C ARG A 215 -10.28 -13.47 5.90
N GLN A 216 -9.99 -12.55 6.83
CA GLN A 216 -8.62 -12.15 7.21
C GLN A 216 -7.81 -13.35 7.69
N LEU A 217 -6.55 -13.40 7.30
CA LEU A 217 -5.66 -14.53 7.56
C LEU A 217 -5.15 -14.52 8.98
N PHE A 218 -4.66 -13.36 9.46
CA PHE A 218 -4.14 -13.19 10.84
C PHE A 218 -4.83 -11.99 11.53
N PRO A 219 -6.11 -12.13 11.97
CA PRO A 219 -6.79 -10.98 12.60
C PRO A 219 -6.50 -10.84 14.11
N GLY A 220 -5.23 -10.54 14.45
CA GLY A 220 -4.76 -10.37 15.83
C GLY A 220 -5.47 -9.26 16.56
N LYS A 221 -5.82 -9.49 17.82
CA LYS A 221 -6.53 -8.52 18.68
C LYS A 221 -5.61 -7.48 19.29
N ASN A 222 -4.30 -7.77 19.32
CA ASN A 222 -3.24 -6.89 19.83
C ASN A 222 -1.86 -7.42 19.33
N TYR A 223 -0.75 -6.78 19.77
CA TYR A 223 0.63 -7.09 19.41
C TYR A 223 1.02 -8.57 19.57
N VAL A 224 0.87 -9.10 20.78
CA VAL A 224 1.23 -10.48 21.14
C VAL A 224 0.33 -11.47 20.40
N HIS A 225 -0.99 -11.23 20.38
CA HIS A 225 -1.94 -12.11 19.70
C HIS A 225 -1.63 -12.20 18.21
N GLN A 226 -1.21 -11.08 17.58
CA GLN A 226 -0.81 -11.02 16.19
C GLN A 226 0.39 -11.97 15.95
N LEU A 227 1.43 -11.87 16.81
CA LEU A 227 2.60 -12.75 16.78
C LEU A 227 2.21 -14.21 16.89
N GLN A 228 1.30 -14.53 17.84
CA GLN A 228 0.76 -15.87 18.09
C GLN A 228 0.12 -16.43 16.85
N LEU A 229 -0.77 -15.62 16.24
CA LEU A 229 -1.49 -15.98 15.03
C LEU A 229 -0.56 -16.34 13.89
N ILE A 230 0.49 -15.53 13.68
CA ILE A 230 1.48 -15.80 12.60
C ILE A 230 2.24 -17.12 12.87
N MET A 231 2.65 -17.32 14.13
CA MET A 231 3.41 -18.48 14.57
C MET A 231 2.61 -19.79 14.56
N MET A 232 1.26 -19.68 14.72
CA MET A 232 0.32 -20.81 14.67
C MET A 232 0.30 -21.42 13.27
N VAL A 233 0.69 -20.66 12.25
CA VAL A 233 0.78 -21.16 10.88
C VAL A 233 2.24 -21.35 10.46
N LEU A 234 3.06 -20.29 10.55
CA LEU A 234 4.47 -20.28 10.14
C LEU A 234 5.41 -21.10 10.99
N GLY A 235 5.02 -21.41 12.23
CA GLY A 235 5.87 -22.10 13.19
C GLY A 235 6.70 -21.09 13.95
N THR A 236 7.59 -21.56 14.87
CA THR A 236 8.44 -20.65 15.66
C THR A 236 9.49 -20.00 14.74
N PRO A 237 9.85 -18.71 14.91
CA PRO A 237 10.91 -18.13 14.07
C PRO A 237 12.25 -18.82 14.32
N SER A 238 13.15 -18.82 13.35
CA SER A 238 14.47 -19.46 13.51
C SER A 238 15.35 -18.67 14.53
N PRO A 239 16.42 -19.26 15.11
CA PRO A 239 17.25 -18.48 16.06
C PRO A 239 17.88 -17.23 15.44
N ALA A 240 18.18 -17.27 14.13
CA ALA A 240 18.74 -16.11 13.41
C ALA A 240 17.77 -14.92 13.48
N VAL A 241 16.46 -15.19 13.26
CA VAL A 241 15.39 -14.19 13.35
C VAL A 241 15.22 -13.74 14.81
N ILE A 242 15.16 -14.71 15.77
CA ILE A 242 14.99 -14.41 17.19
C ILE A 242 16.11 -13.49 17.67
N GLN A 243 17.40 -13.80 17.36
CA GLN A 243 18.55 -12.95 17.74
C GLN A 243 18.41 -11.50 17.24
N ALA A 244 17.88 -11.32 16.01
CA ALA A 244 17.64 -10.04 15.34
C ALA A 244 16.47 -9.25 15.91
N VAL A 245 15.66 -9.87 16.80
CA VAL A 245 14.50 -9.20 17.44
C VAL A 245 15.00 -8.08 18.33
N GLY A 246 14.63 -6.84 17.96
CA GLY A 246 14.99 -5.62 18.65
C GLY A 246 14.90 -5.68 20.17
N ALA A 247 13.67 -5.79 20.69
CA ALA A 247 13.31 -5.79 22.10
C ALA A 247 13.42 -7.14 22.81
N GLU A 248 14.04 -7.13 24.00
CA GLU A 248 14.27 -8.30 24.85
C GLU A 248 12.98 -8.97 25.36
N ARG A 249 11.92 -8.19 25.65
CA ARG A 249 10.65 -8.72 26.14
C ARG A 249 9.96 -9.54 25.05
N VAL A 250 10.05 -9.08 23.80
CA VAL A 250 9.49 -9.79 22.65
C VAL A 250 10.32 -11.07 22.44
N ARG A 251 11.65 -10.91 22.39
CA ARG A 251 12.63 -11.96 22.20
C ARG A 251 12.41 -13.06 23.25
N ALA A 252 12.28 -12.68 24.54
CA ALA A 252 12.02 -13.57 25.67
C ALA A 252 10.66 -14.23 25.56
N TYR A 253 9.63 -13.48 25.16
CA TYR A 253 8.27 -14.02 24.97
C TYR A 253 8.28 -15.16 23.93
N ILE A 254 8.91 -14.94 22.75
CA ILE A 254 8.98 -15.95 21.69
C ILE A 254 9.64 -17.25 22.22
N GLN A 255 10.75 -17.10 22.98
CA GLN A 255 11.52 -18.21 23.56
C GLN A 255 10.78 -18.94 24.69
N SER A 256 9.82 -18.25 25.33
CA SER A 256 9.00 -18.81 26.42
C SER A 256 7.94 -19.79 25.89
N LEU A 257 7.75 -19.83 24.56
CA LEU A 257 6.75 -20.69 23.92
C LEU A 257 7.34 -22.00 23.42
N PRO A 258 6.61 -23.14 23.56
CA PRO A 258 7.13 -24.43 23.07
C PRO A 258 7.37 -24.48 21.54
N PRO A 259 8.34 -25.33 21.06
CA PRO A 259 8.61 -25.39 19.60
C PRO A 259 7.39 -25.68 18.74
N ARG A 260 7.34 -25.07 17.55
CA ARG A 260 6.23 -25.24 16.63
C ARG A 260 6.73 -25.34 15.21
N GLN A 261 6.27 -26.37 14.50
CA GLN A 261 6.65 -26.56 13.12
C GLN A 261 5.63 -25.83 12.23
N PRO A 262 6.00 -25.37 11.00
CA PRO A 262 4.98 -24.72 10.14
C PRO A 262 3.84 -25.66 9.77
N VAL A 263 2.64 -25.11 9.59
CA VAL A 263 1.44 -25.84 9.20
C VAL A 263 1.30 -25.71 7.68
N PRO A 264 1.18 -26.84 6.92
CA PRO A 264 1.05 -26.72 5.45
C PRO A 264 -0.12 -25.81 5.05
N TRP A 265 0.05 -25.06 3.94
CA TRP A 265 -1.00 -24.15 3.50
C TRP A 265 -2.26 -24.90 3.07
N GLU A 266 -2.10 -26.22 2.79
CA GLU A 266 -3.17 -27.16 2.42
C GLU A 266 -4.12 -27.41 3.60
N THR A 267 -3.59 -27.29 4.83
CA THR A 267 -4.36 -27.45 6.07
C THR A 267 -5.11 -26.12 6.36
N VAL A 268 -4.43 -24.97 6.20
CA VAL A 268 -4.99 -23.62 6.43
C VAL A 268 -6.12 -23.34 5.42
N TYR A 269 -5.88 -23.68 4.12
CA TYR A 269 -6.84 -23.49 3.04
C TYR A 269 -7.17 -24.86 2.38
N PRO A 270 -8.01 -25.72 3.02
CA PRO A 270 -8.30 -27.05 2.47
C PRO A 270 -8.98 -27.04 1.09
N GLY A 271 -8.45 -27.88 0.20
CA GLY A 271 -8.93 -28.00 -1.18
C GLY A 271 -8.72 -26.78 -2.07
N ALA A 272 -7.81 -25.85 -1.65
CA ALA A 272 -7.50 -24.66 -2.44
C ALA A 272 -6.53 -25.06 -3.57
N ASP A 273 -6.53 -24.29 -4.67
CA ASP A 273 -5.67 -24.51 -5.84
C ASP A 273 -4.21 -24.68 -5.43
N ARG A 274 -3.57 -25.75 -5.91
CA ARG A 274 -2.18 -26.09 -5.59
C ARG A 274 -1.20 -25.00 -6.00
N GLN A 275 -1.42 -24.39 -7.17
CA GLN A 275 -0.53 -23.34 -7.64
C GLN A 275 -0.71 -22.03 -6.85
N ALA A 276 -1.92 -21.80 -6.29
CA ALA A 276 -2.21 -20.64 -5.49
C ALA A 276 -1.48 -20.76 -4.16
N LEU A 277 -1.46 -21.99 -3.58
CA LEU A 277 -0.79 -22.25 -2.32
C LEU A 277 0.74 -22.27 -2.49
N SER A 278 1.25 -22.71 -3.66
CA SER A 278 2.69 -22.64 -3.92
C SER A 278 3.17 -21.17 -3.87
N LEU A 279 2.45 -20.26 -4.54
CA LEU A 279 2.78 -18.84 -4.59
C LEU A 279 2.61 -18.16 -3.20
N LEU A 280 1.52 -18.50 -2.49
CA LEU A 280 1.25 -18.00 -1.14
C LEU A 280 2.41 -18.36 -0.18
N GLY A 281 2.89 -19.61 -0.27
CA GLY A 281 4.01 -20.10 0.50
C GLY A 281 5.29 -19.31 0.29
N ARG A 282 5.52 -18.84 -0.96
N ARG A 282 5.53 -18.84 -0.96
CA ARG A 282 6.69 -18.05 -1.34
CA ARG A 282 6.70 -18.05 -1.35
C ARG A 282 6.65 -16.61 -0.81
C ARG A 282 6.65 -16.62 -0.78
N MET A 283 5.43 -16.13 -0.48
CA MET A 283 5.20 -14.76 -0.01
C MET A 283 5.26 -14.65 1.50
N LEU A 284 4.68 -15.64 2.21
CA LEU A 284 4.57 -15.59 3.65
C LEU A 284 5.69 -16.38 4.35
N ARG A 285 6.83 -15.71 4.49
N ARG A 285 6.82 -15.69 4.51
CA ARG A 285 8.03 -16.19 5.14
CA ARG A 285 8.04 -16.17 5.15
C ARG A 285 8.47 -15.14 6.14
C ARG A 285 8.45 -15.12 6.16
N PHE A 286 8.99 -15.57 7.30
CA PHE A 286 9.45 -14.70 8.39
C PHE A 286 10.61 -13.79 7.93
N GLU A 287 11.55 -14.39 7.20
CA GLU A 287 12.73 -13.76 6.65
C GLU A 287 12.40 -12.95 5.41
N PRO A 288 12.61 -11.62 5.46
CA PRO A 288 12.31 -10.78 4.28
C PRO A 288 12.95 -11.24 2.97
N SER A 289 14.23 -11.61 3.03
CA SER A 289 15.06 -12.09 1.91
C SER A 289 14.62 -13.48 1.37
N ALA A 290 13.83 -14.24 2.15
CA ALA A 290 13.34 -15.55 1.71
C ALA A 290 12.06 -15.40 0.86
N ARG A 291 11.43 -14.23 0.94
CA ARG A 291 10.22 -13.90 0.20
C ARG A 291 10.50 -13.68 -1.27
N ILE A 292 9.56 -14.13 -2.10
CA ILE A 292 9.55 -13.93 -3.54
C ILE A 292 9.37 -12.41 -3.78
N SER A 293 9.96 -11.91 -4.87
CA SER A 293 9.80 -10.53 -5.29
C SER A 293 8.48 -10.42 -6.08
N ALA A 294 8.00 -9.20 -6.31
CA ALA A 294 6.81 -8.94 -7.13
C ALA A 294 7.11 -9.40 -8.58
N ALA A 295 8.32 -9.11 -9.11
CA ALA A 295 8.70 -9.52 -10.48
C ALA A 295 8.77 -11.06 -10.67
N ALA A 296 9.36 -11.78 -9.69
CA ALA A 296 9.43 -13.23 -9.74
C ALA A 296 8.06 -13.87 -9.52
N ALA A 297 7.14 -13.21 -8.73
CA ALA A 297 5.77 -13.71 -8.49
C ALA A 297 4.97 -13.67 -9.77
N LEU A 298 5.18 -12.63 -10.61
CA LEU A 298 4.53 -12.50 -11.91
C LEU A 298 4.94 -13.62 -12.88
N ARG A 299 6.10 -14.26 -12.62
CA ARG A 299 6.64 -15.37 -13.40
C ARG A 299 6.17 -16.73 -12.84
N HIS A 300 5.42 -16.75 -11.73
CA HIS A 300 4.96 -17.99 -11.12
C HIS A 300 3.86 -18.65 -11.98
N PRO A 301 3.80 -20.00 -12.09
CA PRO A 301 2.71 -20.63 -12.88
C PRO A 301 1.26 -20.19 -12.57
N PHE A 302 0.97 -19.74 -11.33
CA PHE A 302 -0.37 -19.27 -10.94
C PHE A 302 -0.85 -18.05 -11.78
N LEU A 303 0.10 -17.18 -12.18
CA LEU A 303 -0.24 -16.01 -12.97
C LEU A 303 0.08 -16.12 -14.47
N ALA A 304 0.42 -17.34 -14.95
CA ALA A 304 0.74 -17.63 -16.35
C ALA A 304 -0.29 -17.16 -17.37
N LYS A 305 -1.59 -17.22 -17.02
CA LYS A 305 -2.72 -16.81 -17.87
C LYS A 305 -2.62 -15.34 -18.32
N TYR A 306 -2.16 -14.47 -17.43
CA TYR A 306 -2.09 -13.02 -17.69
C TYR A 306 -0.72 -12.49 -17.95
N HIS A 307 0.30 -13.16 -17.45
CA HIS A 307 1.68 -12.74 -17.53
C HIS A 307 2.20 -12.54 -18.96
N ASP A 308 2.63 -11.30 -19.23
CA ASP A 308 3.28 -10.91 -20.49
C ASP A 308 4.46 -10.03 -20.06
N PRO A 309 5.70 -10.56 -20.07
CA PRO A 309 6.85 -9.75 -19.64
C PRO A 309 6.98 -8.40 -20.36
N ASP A 310 6.56 -8.36 -21.61
CA ASP A 310 6.57 -7.18 -22.47
C ASP A 310 5.42 -6.16 -22.15
N ASP A 311 4.45 -6.54 -21.29
CA ASP A 311 3.33 -5.69 -20.89
C ASP A 311 3.38 -5.40 -19.38
N GLU A 312 4.55 -5.63 -18.73
CA GLU A 312 4.72 -5.43 -17.28
C GLU A 312 5.90 -4.48 -17.01
N PRO A 313 5.68 -3.16 -17.22
CA PRO A 313 6.81 -2.21 -17.12
C PRO A 313 7.37 -1.97 -15.73
N ASP A 314 8.63 -1.50 -15.75
CA ASP A 314 9.41 -1.01 -14.63
C ASP A 314 9.36 0.51 -14.71
N CYS A 315 9.74 1.18 -13.61
CA CYS A 315 9.77 2.63 -13.47
C CYS A 315 11.20 3.15 -13.35
N ALA A 316 11.57 3.95 -14.34
CA ALA A 316 12.86 4.62 -14.42
C ALA A 316 12.57 6.13 -14.57
N PRO A 317 13.21 7.00 -13.77
CA PRO A 317 14.24 6.70 -12.76
C PRO A 317 13.63 6.39 -11.38
N PRO A 318 14.44 5.97 -10.38
CA PRO A 318 13.85 5.73 -9.05
C PRO A 318 13.33 7.03 -8.43
N PHE A 319 12.46 6.89 -7.46
CA PHE A 319 11.87 8.02 -6.77
C PHE A 319 12.83 8.38 -5.62
N ASP A 320 13.13 9.67 -5.46
CA ASP A 320 13.99 10.15 -4.37
C ASP A 320 13.12 10.72 -3.22
N PHE A 321 13.35 10.23 -1.99
CA PHE A 321 12.63 10.67 -0.78
C PHE A 321 13.35 11.76 0.03
N ALA A 322 14.46 12.35 -0.51
CA ALA A 322 15.29 13.40 0.14
C ALA A 322 14.46 14.54 0.73
N PHE A 323 13.50 15.08 -0.04
CA PHE A 323 12.58 16.15 0.34
C PHE A 323 11.83 15.88 1.67
N ASP A 324 11.47 14.60 1.90
CA ASP A 324 10.72 14.14 3.06
C ASP A 324 11.58 14.09 4.29
N ARG A 325 12.89 13.90 4.12
CA ARG A 325 13.80 13.83 5.25
C ARG A 325 14.13 15.22 5.80
N GLU A 326 13.82 16.30 5.03
CA GLU A 326 14.07 17.69 5.43
C GLU A 326 13.10 18.11 6.53
N ALA A 327 13.62 18.85 7.53
CA ALA A 327 12.79 19.36 8.61
C ALA A 327 12.24 20.73 8.17
N LEU A 328 11.01 20.72 7.68
CA LEU A 328 10.33 21.92 7.19
C LEU A 328 9.22 22.33 8.14
N THR A 329 9.02 23.64 8.26
CA THR A 329 7.93 24.22 9.03
C THR A 329 6.66 24.09 8.18
N ARG A 330 5.49 24.32 8.78
CA ARG A 330 4.22 24.26 8.05
C ARG A 330 4.24 25.15 6.79
N GLU A 331 4.76 26.39 6.94
CA GLU A 331 4.85 27.37 5.87
C GLU A 331 5.73 26.89 4.73
N ARG A 332 6.91 26.33 5.03
CA ARG A 332 7.82 25.77 4.01
C ARG A 332 7.24 24.57 3.29
N ILE A 333 6.38 23.77 3.95
CA ILE A 333 5.70 22.62 3.35
C ILE A 333 4.61 23.16 2.40
N LYS A 334 3.90 24.21 2.83
CA LYS A 334 2.88 24.87 2.02
C LYS A 334 3.51 25.38 0.73
N GLU A 335 4.68 26.03 0.82
CA GLU A 335 5.38 26.53 -0.36
C GLU A 335 5.70 25.37 -1.29
N ALA A 336 6.21 24.25 -0.73
CA ALA A 336 6.56 23.03 -1.49
C ALA A 336 5.36 22.43 -2.20
N ILE A 337 4.19 22.41 -1.54
CA ILE A 337 2.96 21.88 -2.12
C ILE A 337 2.50 22.78 -3.27
N VAL A 338 2.56 24.09 -3.06
CA VAL A 338 2.15 25.05 -4.07
C VAL A 338 3.10 24.94 -5.26
N ALA A 339 4.42 24.80 -5.02
CA ALA A 339 5.40 24.59 -6.08
C ALA A 339 5.07 23.28 -6.87
N GLU A 340 4.53 22.24 -6.20
CA GLU A 340 4.10 20.97 -6.83
C GLU A 340 2.88 21.14 -7.74
N ILE A 341 1.93 21.98 -7.33
CA ILE A 341 0.73 22.26 -8.11
C ILE A 341 1.18 23.07 -9.37
N GLU A 342 2.12 24.03 -9.19
CA GLU A 342 2.66 24.84 -10.29
C GLU A 342 3.39 23.98 -11.32
N ASP A 343 4.25 23.04 -10.86
CA ASP A 343 5.01 22.11 -11.70
C ASP A 343 4.06 21.19 -12.49
N PHE A 344 2.94 20.78 -11.87
CA PHE A 344 1.95 19.93 -12.49
C PHE A 344 1.36 20.58 -13.72
N HIS A 345 1.03 21.88 -13.61
CA HIS A 345 0.46 22.63 -14.71
C HIS A 345 1.51 23.03 -15.75
N ALA A 346 2.76 23.30 -15.31
CA ALA A 346 3.86 23.66 -16.20
C ALA A 346 4.26 22.47 -17.09
N ARG A 347 4.22 21.24 -16.54
CA ARG A 347 4.53 20.02 -17.29
C ARG A 347 3.44 19.72 -18.34
N ARG A 348 2.16 20.05 -18.02
CA ARG A 348 1.02 19.88 -18.91
C ARG A 348 1.01 20.91 -20.05
N GLU A 349 1.44 22.16 -19.76
CA GLU A 349 1.53 23.29 -20.70
C GLU A 349 2.98 23.53 -21.13
#